data_7FNC
#
_entry.id   7FNC
#
_cell.length_a   89.787
_cell.length_b   81.788
_cell.length_c   93.192
_cell.angle_alpha   90
_cell.angle_beta   108.28
_cell.angle_gamma   90
#
_symmetry.space_group_name_H-M   'C 1 2 1'
#
loop_
_entity.id
_entity.type
_entity.pdbx_description
1 polymer 'Pre-mRNA-splicing factor 8'
2 polymer 'A1 cistron-splicing factor AAR2'
3 non-polymer N-{2-[(4R)-8-methylimidazo[1,2-a]pyridin-2-yl]ethyl}acetamide
4 water water
#
loop_
_entity_poly.entity_id
_entity_poly.type
_entity_poly.pdbx_seq_one_letter_code
_entity_poly.pdbx_strand_id
1 'polypeptide(L)'
;GAMNSSNYAELFNNDIKLFVDDTNVYRVTVHKTFEGNVATKAINGCIFTLNPKTGHLFLKIIHTSVWAGQKRLSQLAKWK
TAEEVSALVRSLPKEEQPKQIIVTRKAMLDPLEVHMLDFPNIAIRPTELRLPFSAAMSIDKLSDVVMKATEPQMVLFNIY
DDWLDRISSYTAFSRLTLLLRALKTNEESAKMILLSDPTITIKSYHLWPSFTDEQWITIESQMRDLILTEYGRKYNVNIS
ALTQTEIKDIILGQNIKA
;
A
2 'polypeptide(L)'
;GAMAMNTVPFTSAPIEVTIGIDQYSFNVKENQPFHGIKDIPIGHVHVIHFQHADNSSMRYGYWFDCRMGNFYIQYDPKDG
LYKMMEERDGAKFENIVHNFKERQMMVSYPKIDEDDTWYNLTEFVQMDKIRKIVRKDENQFSYVDSSMTTVQENELSSSS
SDPAHSLNYTVINFKSREAIRPGHEMEDFLDKSYYLNTVMLQGIFKNSSNYFGELQFAFLNAMFFGNYGSSLQWHAMIEL
ICSSATVPKHMLDKLDEILYYQIKTLPEQYSDILLNERVWNICLYSSFQKNSLHNTEKIMENKYPELL
;
B
#
loop_
_chem_comp.id
_chem_comp.type
_chem_comp.name
_chem_comp.formula
VZL non-polymer N-{2-[(4R)-8-methylimidazo[1,2-a]pyridin-2-yl]ethyl}acetamide 'C12 H15 N3 O'
#
# COMPACT_ATOMS: atom_id res chain seq x y z
N GLY A 1 4.01 -6.27 13.98
CA GLY A 1 5.44 -6.08 13.80
C GLY A 1 6.19 -7.39 13.58
N ALA A 2 7.45 -7.28 13.16
CA ALA A 2 8.19 -8.46 12.72
C ALA A 2 8.56 -9.33 13.92
N MET A 3 8.74 -10.62 13.67
CA MET A 3 9.13 -11.55 14.70
C MET A 3 10.65 -11.70 14.64
N ASN A 4 11.31 -11.59 15.79
CA ASN A 4 12.79 -11.63 15.80
C ASN A 4 13.30 -12.26 17.09
N SER A 5 14.62 -12.24 17.25
CA SER A 5 15.25 -12.78 18.46
C SER A 5 14.57 -12.27 19.72
N SER A 6 14.13 -11.01 19.70
CA SER A 6 13.75 -10.34 20.93
C SER A 6 12.35 -10.69 21.40
N ASN A 7 11.45 -11.09 20.50
CA ASN A 7 10.10 -11.49 20.89
C ASN A 7 9.86 -12.97 20.59
N TYR A 8 10.95 -13.74 20.62
CA TYR A 8 10.95 -15.16 20.28
C TYR A 8 10.01 -15.98 21.17
N ALA A 9 9.94 -15.66 22.46
CA ALA A 9 9.13 -16.49 23.35
C ALA A 9 7.62 -16.33 23.11
N GLU A 10 7.20 -15.33 22.36
CA GLU A 10 5.80 -15.21 22.06
C GLU A 10 5.30 -16.44 21.30
N LEU A 11 6.20 -17.12 20.58
CA LEU A 11 5.83 -18.31 19.83
C LEU A 11 5.22 -19.41 20.70
N PHE A 12 5.51 -19.41 22.00
CA PHE A 12 5.13 -20.52 22.87
C PHE A 12 4.12 -20.10 23.92
N ASN A 13 3.48 -18.96 23.73
CA ASN A 13 2.41 -18.57 24.63
C ASN A 13 1.13 -19.24 24.19
N ASN A 14 0.02 -18.87 24.80
CA ASN A 14 -1.24 -19.59 24.58
C ASN A 14 -2.10 -18.98 23.47
N ASP A 15 -1.57 -18.01 22.71
CA ASP A 15 -2.25 -17.45 21.56
C ASP A 15 -1.96 -18.32 20.32
N ILE A 16 -3.00 -18.90 19.73
CA ILE A 16 -2.78 -19.77 18.59
C ILE A 16 -2.11 -19.00 17.45
N LYS A 17 -1.05 -19.59 16.89
CA LYS A 17 -0.38 -18.99 15.75
C LYS A 17 0.20 -20.07 14.84
N LEU A 18 0.40 -19.70 13.60
CA LEU A 18 0.95 -20.60 12.61
C LEU A 18 2.09 -19.90 11.88
N PHE A 19 3.17 -20.65 11.66
CA PHE A 19 4.17 -20.30 10.65
C PHE A 19 3.71 -20.84 9.32
N VAL A 20 3.92 -20.06 8.28
CA VAL A 20 3.69 -20.51 6.91
C VAL A 20 4.98 -20.34 6.11
N ASP A 21 5.49 -21.45 5.59
CA ASP A 21 6.64 -21.42 4.69
C ASP A 21 6.21 -21.90 3.30
N ASP A 22 6.53 -21.12 2.27
CA ASP A 22 6.16 -21.40 0.90
C ASP A 22 7.33 -21.84 0.03
N THR A 23 8.51 -22.06 0.62
N THR A 23 8.52 -22.09 0.61
CA THR A 23 9.67 -22.30 -0.21
CA THR A 23 9.71 -22.31 -0.21
C THR A 23 9.42 -23.48 -1.15
C THR A 23 9.67 -23.61 -0.99
N ASN A 24 8.77 -24.51 -0.65
CA ASN A 24 8.67 -25.79 -1.39
C ASN A 24 7.35 -25.93 -2.13
N VAL A 25 6.63 -24.83 -2.34
CA VAL A 25 5.36 -24.88 -3.07
C VAL A 25 5.59 -25.17 -4.55
N TYR A 26 6.45 -24.36 -5.20
CA TYR A 26 6.71 -24.48 -6.64
C TYR A 26 8.12 -25.02 -6.79
N ARG A 27 8.21 -26.28 -7.22
CA ARG A 27 9.48 -27.00 -7.31
C ARG A 27 9.65 -27.48 -8.75
N VAL A 28 10.84 -27.28 -9.32
CA VAL A 28 11.12 -27.72 -10.68
C VAL A 28 12.46 -28.43 -10.75
N THR A 29 12.62 -29.25 -11.78
CA THR A 29 13.91 -29.67 -12.27
C THR A 29 14.18 -28.94 -13.58
N VAL A 30 15.41 -28.51 -13.77
CA VAL A 30 15.84 -27.79 -14.97
C VAL A 30 16.58 -28.79 -15.85
N HIS A 31 16.29 -28.78 -17.15
CA HIS A 31 16.90 -29.77 -18.03
C HIS A 31 17.07 -29.22 -19.44
N LYS A 32 17.87 -29.93 -20.23
CA LYS A 32 18.09 -29.58 -21.63
C LYS A 32 17.09 -30.26 -22.56
N THR A 33 16.62 -29.52 -23.55
CA THR A 33 15.76 -30.03 -24.61
C THR A 33 16.58 -30.60 -25.77
N PHE A 34 15.93 -31.41 -26.60
CA PHE A 34 16.63 -32.01 -27.73
C PHE A 34 17.30 -30.95 -28.58
N GLU A 35 16.64 -29.80 -28.74
CA GLU A 35 17.22 -28.69 -29.49
C GLU A 35 18.38 -28.05 -28.76
N GLY A 36 18.61 -28.43 -27.50
CA GLY A 36 19.66 -27.83 -26.71
C GLY A 36 19.25 -26.61 -25.92
N ASN A 37 17.96 -26.29 -25.89
CA ASN A 37 17.48 -25.22 -25.03
C ASN A 37 17.23 -25.77 -23.64
N VAL A 38 16.86 -24.90 -22.70
CA VAL A 38 16.60 -25.33 -21.33
C VAL A 38 15.11 -25.22 -21.08
N ALA A 39 14.59 -26.16 -20.29
CA ALA A 39 13.20 -26.18 -19.90
C ALA A 39 13.09 -26.66 -18.47
N THR A 40 11.94 -26.40 -17.86
CA THR A 40 11.66 -26.85 -16.51
C THR A 40 10.56 -27.91 -16.55
N LYS A 41 10.64 -28.83 -15.59
CA LYS A 41 9.54 -29.76 -15.34
C LYS A 41 9.15 -29.62 -13.87
N ALA A 42 7.91 -29.22 -13.62
CA ALA A 42 7.43 -29.11 -12.25
C ALA A 42 7.35 -30.48 -11.59
N ILE A 43 7.61 -30.52 -10.28
CA ILE A 43 7.35 -31.67 -9.44
C ILE A 43 6.45 -31.24 -8.28
N ASN A 44 5.88 -32.21 -7.60
CA ASN A 44 4.95 -31.93 -6.51
C ASN A 44 5.64 -31.13 -5.43
N GLY A 45 4.89 -30.18 -4.88
CA GLY A 45 5.38 -29.40 -3.77
C GLY A 45 4.47 -29.44 -2.58
N CYS A 46 4.72 -28.53 -1.63
CA CYS A 46 3.94 -28.52 -0.41
C CYS A 46 4.04 -27.16 0.25
N ILE A 47 2.95 -26.80 0.93
CA ILE A 47 2.95 -25.72 1.91
C ILE A 47 3.24 -26.27 3.28
N PHE A 48 4.12 -25.59 4.03
CA PHE A 48 4.57 -26.01 5.36
C PHE A 48 3.92 -25.03 6.34
N THR A 49 2.86 -25.47 7.01
CA THR A 49 2.08 -24.63 7.92
C THR A 49 2.16 -25.28 9.29
N LEU A 50 2.79 -24.60 10.24
CA LEU A 50 3.19 -25.25 11.47
C LEU A 50 2.73 -24.44 12.68
N ASN A 51 2.06 -25.09 13.61
CA ASN A 51 1.79 -24.50 14.93
C ASN A 51 3.00 -24.77 15.81
N PRO A 52 3.82 -23.77 16.16
CA PRO A 52 5.04 -24.03 16.92
C PRO A 52 4.83 -24.41 18.36
N LYS A 53 3.63 -24.18 18.91
CA LYS A 53 3.35 -24.56 20.30
C LYS A 53 3.01 -26.04 20.42
N THR A 54 2.22 -26.56 19.49
CA THR A 54 1.71 -27.92 19.57
C THR A 54 2.45 -28.89 18.69
N GLY A 55 3.20 -28.42 17.70
CA GLY A 55 3.82 -29.27 16.73
C GLY A 55 2.93 -29.67 15.59
N HIS A 56 1.65 -29.31 15.62
CA HIS A 56 0.76 -29.67 14.51
C HIS A 56 1.21 -29.05 13.19
N LEU A 57 1.43 -29.91 12.19
CA LEU A 57 1.84 -29.53 10.83
C LEU A 57 0.68 -29.82 9.89
N PHE A 58 0.25 -28.84 9.16
CA PHE A 58 -0.77 -28.94 8.13
C PHE A 58 -0.03 -28.94 6.80
N LEU A 59 0.26 -30.10 6.27
CA LEU A 59 1.09 -30.21 5.07
C LEU A 59 0.15 -30.29 3.88
N LYS A 60 -0.02 -29.16 3.17
CA LYS A 60 -0.86 -29.14 1.98
C LYS A 60 0.02 -29.50 0.79
N ILE A 61 -0.27 -30.63 0.19
CA ILE A 61 0.48 -31.08 -0.97
C ILE A 61 -0.03 -30.37 -2.22
N ILE A 62 0.92 -29.83 -3.00
CA ILE A 62 0.65 -29.01 -4.17
C ILE A 62 1.00 -29.90 -5.36
N HIS A 63 -0.03 -30.42 -6.01
CA HIS A 63 0.14 -31.30 -7.15
C HIS A 63 0.47 -30.49 -8.41
N THR A 64 1.31 -31.07 -9.30
CA THR A 64 1.79 -30.35 -10.47
C THR A 64 0.66 -29.91 -11.39
N SER A 65 -0.50 -30.59 -11.32
CA SER A 65 -1.64 -30.21 -12.14
C SER A 65 -2.07 -28.78 -11.86
N VAL A 66 -1.81 -28.24 -10.67
N VAL A 66 -1.80 -28.28 -10.64
CA VAL A 66 -2.26 -26.89 -10.39
CA VAL A 66 -2.12 -26.90 -10.28
C VAL A 66 -1.51 -25.85 -11.22
C VAL A 66 -1.54 -25.91 -11.28
N TRP A 67 -0.36 -26.19 -11.79
CA TRP A 67 0.36 -25.23 -12.62
C TRP A 67 -0.03 -25.29 -14.11
N ALA A 68 -0.81 -26.30 -14.51
CA ALA A 68 -1.12 -26.52 -15.94
C ALA A 68 -1.74 -25.28 -16.59
N GLY A 69 -1.12 -24.81 -17.65
CA GLY A 69 -1.64 -23.69 -18.42
C GLY A 69 -1.52 -22.35 -17.73
N GLN A 70 -0.72 -22.26 -16.67
CA GLN A 70 -0.52 -21.03 -15.94
C GLN A 70 0.81 -20.39 -16.30
N LYS A 71 0.82 -19.06 -16.28
CA LYS A 71 2.01 -18.24 -16.46
C LYS A 71 2.51 -17.73 -15.11
N ARG A 72 3.76 -17.29 -15.12
CA ARG A 72 4.37 -16.58 -14.00
C ARG A 72 4.22 -17.41 -12.73
N LEU A 73 4.72 -18.65 -12.80
CA LEU A 73 4.41 -19.62 -11.76
C LEU A 73 5.02 -19.23 -10.42
N SER A 74 6.19 -18.60 -10.39
CA SER A 74 6.71 -18.23 -9.07
C SER A 74 5.83 -17.19 -8.41
N GLN A 75 5.22 -16.30 -9.18
CA GLN A 75 4.25 -15.36 -8.61
C GLN A 75 2.95 -16.07 -8.21
N LEU A 76 2.46 -16.94 -9.09
CA LEU A 76 1.23 -17.66 -8.78
C LEU A 76 1.40 -18.48 -7.50
N ALA A 77 2.57 -19.08 -7.30
CA ALA A 77 2.81 -19.95 -6.15
C ALA A 77 2.55 -19.21 -4.85
N LYS A 78 2.87 -17.93 -4.79
CA LYS A 78 2.61 -17.21 -3.54
C LYS A 78 1.12 -17.02 -3.31
N TRP A 79 0.37 -16.69 -4.38
CA TRP A 79 -1.09 -16.53 -4.25
C TRP A 79 -1.81 -17.86 -3.97
N LYS A 80 -1.38 -18.95 -4.62
CA LYS A 80 -1.89 -20.27 -4.29
C LYS A 80 -1.63 -20.63 -2.83
N THR A 81 -0.42 -20.33 -2.33
CA THR A 81 -0.12 -20.55 -0.93
C THR A 81 -1.12 -19.81 -0.04
N ALA A 82 -1.31 -18.52 -0.30
CA ALA A 82 -2.25 -17.75 0.48
C ALA A 82 -3.67 -18.25 0.36
N GLU A 83 -4.09 -18.72 -0.84
CA GLU A 83 -5.43 -19.27 -1.05
C GLU A 83 -5.63 -20.51 -0.17
N GLU A 84 -4.67 -21.42 -0.17
CA GLU A 84 -4.78 -22.64 0.63
C GLU A 84 -4.73 -22.36 2.14
N VAL A 85 -3.88 -21.41 2.58
CA VAL A 85 -3.84 -21.04 4.00
C VAL A 85 -5.18 -20.47 4.44
N SER A 86 -5.75 -19.55 3.65
N SER A 86 -5.73 -19.53 3.65
CA SER A 86 -7.05 -18.99 4.02
CA SER A 86 -7.05 -18.98 3.94
C SER A 86 -8.13 -20.05 4.02
C SER A 86 -8.11 -20.06 4.01
N ALA A 87 -8.09 -21.01 3.08
CA ALA A 87 -9.05 -22.11 3.10
C ALA A 87 -8.90 -22.95 4.36
N LEU A 88 -7.66 -23.20 4.76
CA LEU A 88 -7.41 -23.93 6.00
C LEU A 88 -8.01 -23.21 7.20
N VAL A 89 -7.72 -21.91 7.32
CA VAL A 89 -8.27 -21.17 8.44
C VAL A 89 -9.80 -21.24 8.41
N ARG A 90 -10.40 -21.04 7.24
CA ARG A 90 -11.87 -21.06 7.13
C ARG A 90 -12.45 -22.41 7.50
N SER A 91 -11.68 -23.47 7.28
CA SER A 91 -12.11 -24.82 7.63
C SER A 91 -12.06 -25.10 9.14
N LEU A 92 -11.40 -24.29 9.93
CA LEU A 92 -11.25 -24.59 11.35
C LEU A 92 -12.36 -23.92 12.14
N PRO A 93 -12.79 -24.53 13.23
CA PRO A 93 -13.72 -23.84 14.14
C PRO A 93 -13.10 -22.55 14.61
N LYS A 94 -13.95 -21.59 14.98
CA LYS A 94 -13.49 -20.26 15.34
C LYS A 94 -12.48 -20.33 16.48
N GLU A 95 -12.75 -21.14 17.50
CA GLU A 95 -11.82 -21.21 18.63
C GLU A 95 -10.51 -21.90 18.27
N GLU A 96 -10.38 -22.49 17.09
CA GLU A 96 -9.11 -23.06 16.64
C GLU A 96 -8.38 -22.20 15.62
N GLN A 97 -9.02 -21.18 15.12
CA GLN A 97 -8.34 -20.32 14.15
C GLN A 97 -7.19 -19.55 14.79
N PRO A 98 -6.10 -19.34 14.06
CA PRO A 98 -4.95 -18.63 14.63
C PRO A 98 -5.30 -17.17 14.87
N LYS A 99 -4.63 -16.60 15.89
N LYS A 99 -4.64 -16.59 15.89
CA LYS A 99 -4.66 -15.15 16.11
CA LYS A 99 -4.66 -15.15 16.11
C LYS A 99 -3.61 -14.43 15.27
C LYS A 99 -3.59 -14.43 15.30
N GLN A 100 -2.52 -15.13 14.93
CA GLN A 100 -1.46 -14.59 14.10
C GLN A 100 -1.00 -15.67 13.11
N ILE A 101 -0.59 -15.23 11.94
CA ILE A 101 0.09 -16.07 10.95
C ILE A 101 1.41 -15.38 10.66
N ILE A 102 2.52 -16.10 10.86
CA ILE A 102 3.85 -15.58 10.59
C ILE A 102 4.40 -16.22 9.31
N VAL A 103 4.72 -15.38 8.30
CA VAL A 103 5.21 -15.89 7.02
C VAL A 103 6.73 -15.84 7.04
N THR A 104 7.36 -16.89 6.56
CA THR A 104 8.80 -16.92 6.62
C THR A 104 9.46 -16.09 5.54
N ARG A 105 8.74 -15.70 4.50
CA ARG A 105 9.28 -14.84 3.45
C ARG A 105 8.39 -13.63 3.22
N LYS A 106 9.00 -12.44 3.17
CA LYS A 106 8.22 -11.21 3.11
C LYS A 106 7.31 -11.14 1.89
N ALA A 107 7.66 -11.83 0.79
CA ALA A 107 6.85 -11.75 -0.42
C ALA A 107 5.47 -12.37 -0.23
N MET A 108 5.27 -13.14 0.86
CA MET A 108 3.95 -13.70 1.14
C MET A 108 3.01 -12.73 1.85
N LEU A 109 3.49 -11.57 2.28
CA LEU A 109 2.66 -10.72 3.14
C LEU A 109 1.42 -10.22 2.38
N ASP A 110 1.61 -9.56 1.24
CA ASP A 110 0.47 -9.04 0.49
C ASP A 110 -0.45 -10.15 -0.01
N PRO A 111 0.03 -11.23 -0.64
CA PRO A 111 -0.89 -12.31 -1.00
C PRO A 111 -1.71 -12.81 0.18
N LEU A 112 -1.09 -13.02 1.35
CA LEU A 112 -1.85 -13.57 2.47
C LEU A 112 -2.78 -12.53 3.04
N GLU A 113 -2.33 -11.28 3.16
CA GLU A 113 -3.21 -10.24 3.67
C GLU A 113 -4.47 -10.12 2.82
N VAL A 114 -4.31 -10.17 1.49
CA VAL A 114 -5.45 -10.01 0.61
C VAL A 114 -6.40 -11.21 0.72
N HIS A 115 -5.84 -12.43 0.79
CA HIS A 115 -6.71 -13.60 0.97
C HIS A 115 -7.39 -13.64 2.33
N MET A 116 -6.88 -12.92 3.32
CA MET A 116 -7.42 -12.97 4.67
C MET A 116 -8.24 -11.76 5.02
N LEU A 117 -8.70 -11.00 4.00
CA LEU A 117 -9.47 -9.79 4.29
C LEU A 117 -10.71 -10.09 5.13
N ASP A 118 -11.28 -11.29 5.00
CA ASP A 118 -12.43 -11.70 5.79
C ASP A 118 -12.09 -11.89 7.27
N PHE A 119 -10.81 -11.87 7.63
CA PHE A 119 -10.36 -12.12 9.00
C PHE A 119 -9.52 -10.95 9.46
N PRO A 120 -10.14 -9.77 9.61
CA PRO A 120 -9.37 -8.58 10.02
C PRO A 120 -8.63 -8.73 11.33
N ASN A 121 -9.07 -9.61 12.22
CA ASN A 121 -8.43 -9.77 13.52
C ASN A 121 -7.31 -10.80 13.53
N ILE A 122 -6.97 -11.42 12.41
CA ILE A 122 -5.81 -12.31 12.34
C ILE A 122 -4.62 -11.48 11.84
N ALA A 123 -3.61 -11.31 12.70
CA ALA A 123 -2.44 -10.52 12.32
C ALA A 123 -1.50 -11.32 11.42
N ILE A 124 -1.07 -10.69 10.32
CA ILE A 124 -0.15 -11.29 9.36
C ILE A 124 1.21 -10.64 9.57
N ARG A 125 2.21 -11.43 9.94
CA ARG A 125 3.49 -10.89 10.37
C ARG A 125 4.64 -11.48 9.59
N PRO A 126 5.66 -10.69 9.27
CA PRO A 126 6.92 -11.24 8.79
C PRO A 126 7.81 -11.64 9.96
N THR A 127 8.99 -12.15 9.61
CA THR A 127 9.98 -12.45 10.63
C THR A 127 11.38 -12.09 10.14
N GLU A 128 12.23 -11.67 11.10
N GLU A 128 12.24 -11.66 11.07
CA GLU A 128 13.65 -11.42 10.86
CA GLU A 128 13.64 -11.46 10.72
C GLU A 128 14.50 -12.66 11.10
C GLU A 128 14.46 -12.74 10.89
N LEU A 129 13.90 -13.77 11.52
CA LEU A 129 14.61 -15.02 11.66
C LEU A 129 14.80 -15.71 10.32
N ARG A 130 15.93 -16.41 10.18
CA ARG A 130 16.26 -17.17 8.97
C ARG A 130 15.98 -18.65 9.24
N LEU A 131 14.69 -18.97 9.33
CA LEU A 131 14.30 -20.31 9.76
C LEU A 131 14.51 -21.33 8.66
N PRO A 132 14.84 -22.57 9.04
CA PRO A 132 15.27 -23.56 8.04
C PRO A 132 14.14 -24.46 7.54
N PHE A 133 12.94 -23.93 7.39
CA PHE A 133 11.81 -24.80 7.04
C PHE A 133 11.91 -25.34 5.63
N SER A 134 12.70 -24.73 4.74
CA SER A 134 12.89 -25.30 3.40
C SER A 134 13.39 -26.74 3.46
N ALA A 135 14.13 -27.07 4.48
CA ALA A 135 14.64 -28.42 4.60
C ALA A 135 13.61 -29.39 5.00
N ALA A 136 12.32 -29.05 5.05
CA ALA A 136 11.33 -30.03 5.45
C ALA A 136 11.26 -31.20 4.47
N MET A 137 11.62 -30.96 3.20
CA MET A 137 11.64 -32.05 2.25
C MET A 137 12.86 -32.96 2.42
N SER A 138 13.73 -32.71 3.40
CA SER A 138 14.76 -33.67 3.76
C SER A 138 14.29 -34.64 4.83
N ILE A 139 13.09 -34.47 5.36
CA ILE A 139 12.47 -35.47 6.23
C ILE A 139 11.83 -36.53 5.34
N ASP A 140 12.32 -37.76 5.42
CA ASP A 140 11.98 -38.78 4.44
C ASP A 140 10.48 -38.99 4.33
N LYS A 141 9.79 -39.11 5.47
CA LYS A 141 8.36 -39.41 5.38
C LYS A 141 7.56 -38.24 4.77
N LEU A 142 8.02 -37.00 4.97
CA LEU A 142 7.35 -35.87 4.33
C LEU A 142 7.62 -35.85 2.83
N SER A 143 8.88 -35.97 2.44
CA SER A 143 9.21 -36.03 1.02
C SER A 143 8.45 -37.16 0.32
N ASP A 144 8.26 -38.29 1.00
CA ASP A 144 7.63 -39.44 0.35
C ASP A 144 6.16 -39.17 0.05
N VAL A 145 5.41 -38.60 0.98
CA VAL A 145 3.99 -38.40 0.74
C VAL A 145 3.77 -37.32 -0.30
N VAL A 146 4.65 -36.30 -0.34
CA VAL A 146 4.55 -35.27 -1.37
C VAL A 146 4.75 -35.90 -2.77
N MET A 147 5.82 -36.67 -2.88
N MET A 147 5.83 -36.66 -2.91
N MET A 147 5.82 -36.66 -2.92
CA MET A 147 6.24 -37.21 -4.18
CA MET A 147 6.20 -37.20 -4.23
CA MET A 147 6.16 -37.15 -4.25
C MET A 147 5.26 -38.27 -4.70
C MET A 147 5.19 -38.23 -4.72
C MET A 147 5.21 -38.26 -4.72
N LYS A 148 4.56 -38.97 -3.81
CA LYS A 148 3.60 -40.01 -4.20
C LYS A 148 2.23 -39.47 -4.58
N ALA A 149 1.91 -38.22 -4.21
CA ALA A 149 0.57 -37.73 -4.39
C ALA A 149 0.19 -37.65 -5.86
N THR A 150 -1.03 -38.08 -6.16
CA THR A 150 -1.58 -38.02 -7.50
C THR A 150 -2.67 -36.96 -7.65
N GLU A 151 -3.00 -36.26 -6.58
CA GLU A 151 -3.99 -35.20 -6.61
C GLU A 151 -3.72 -34.30 -5.42
N PRO A 152 -4.35 -33.13 -5.35
CA PRO A 152 -4.22 -32.29 -4.15
C PRO A 152 -4.64 -33.02 -2.86
N GLN A 153 -3.89 -32.82 -1.77
CA GLN A 153 -4.09 -33.61 -0.57
C GLN A 153 -3.51 -32.85 0.60
N MET A 154 -4.21 -32.86 1.72
CA MET A 154 -3.72 -32.35 3.01
C MET A 154 -3.38 -33.53 3.90
N VAL A 155 -2.17 -33.52 4.45
CA VAL A 155 -1.71 -34.53 5.40
C VAL A 155 -1.35 -33.87 6.72
N LEU A 156 -1.81 -34.44 7.84
CA LEU A 156 -1.57 -33.88 9.14
C LEU A 156 -0.52 -34.68 9.87
N PHE A 157 0.48 -33.98 10.43
CA PHE A 157 1.55 -34.61 11.17
C PHE A 157 1.73 -33.84 12.48
N ASN A 158 2.39 -34.46 13.46
CA ASN A 158 3.00 -33.70 14.57
C ASN A 158 4.51 -33.77 14.33
N ILE A 159 5.14 -32.62 14.05
CA ILE A 159 6.56 -32.62 13.70
C ILE A 159 7.45 -32.80 14.92
N TYR A 160 6.87 -32.77 16.12
CA TYR A 160 7.59 -33.03 17.35
C TYR A 160 7.47 -34.48 17.80
N ASP A 161 6.78 -35.31 17.04
CA ASP A 161 6.51 -36.68 17.51
C ASP A 161 5.88 -36.59 18.90
N ASP A 162 6.40 -37.32 19.91
CA ASP A 162 5.90 -37.31 21.27
C ASP A 162 6.76 -36.47 22.20
N TRP A 163 7.58 -35.54 21.65
CA TRP A 163 8.56 -34.85 22.51
C TRP A 163 7.89 -34.04 23.62
N LEU A 164 6.71 -33.49 23.36
CA LEU A 164 6.08 -32.64 24.36
C LEU A 164 5.64 -33.41 25.61
N ASP A 165 5.64 -34.76 25.56
CA ASP A 165 5.46 -35.55 26.79
C ASP A 165 6.59 -35.34 27.78
N ARG A 166 7.76 -34.89 27.30
CA ARG A 166 8.94 -34.81 28.13
C ARG A 166 9.60 -33.44 28.19
N ILE A 167 9.43 -32.61 27.13
CA ILE A 167 10.05 -31.29 27.05
C ILE A 167 9.00 -30.25 26.71
N SER A 168 9.39 -28.98 26.88
CA SER A 168 8.52 -27.85 26.58
C SER A 168 8.55 -27.53 25.08
N SER A 169 7.56 -26.73 24.66
N SER A 169 7.60 -26.69 24.65
CA SER A 169 7.50 -26.29 23.29
CA SER A 169 7.52 -26.31 23.25
C SER A 169 8.76 -25.53 22.90
C SER A 169 8.67 -25.40 22.84
N TYR A 170 9.24 -24.63 23.78
CA TYR A 170 10.43 -23.88 23.44
C TYR A 170 11.54 -24.83 23.09
N THR A 171 11.74 -25.87 23.91
CA THR A 171 12.84 -26.81 23.72
C THR A 171 12.60 -27.65 22.48
N ALA A 172 11.34 -28.03 22.27
CA ALA A 172 10.96 -28.82 21.08
C ALA A 172 11.24 -28.05 19.79
N PHE A 173 10.80 -26.78 19.74
CA PHE A 173 11.08 -25.94 18.58
C PHE A 173 12.57 -25.75 18.38
N SER A 174 13.33 -25.52 19.47
CA SER A 174 14.79 -25.41 19.30
C SER A 174 15.41 -26.69 18.72
N ARG A 175 14.92 -27.85 19.14
CA ARG A 175 15.42 -29.10 18.59
C ARG A 175 15.08 -29.21 17.11
N LEU A 176 13.84 -28.89 16.78
CA LEU A 176 13.39 -28.97 15.39
C LEU A 176 14.25 -28.08 14.48
N THR A 177 14.46 -26.82 14.89
CA THR A 177 15.21 -25.90 14.03
C THR A 177 16.67 -26.33 13.94
N LEU A 178 17.22 -26.89 15.00
CA LEU A 178 18.58 -27.40 14.91
C LEU A 178 18.68 -28.55 13.91
N LEU A 179 17.77 -29.51 14.00
CA LEU A 179 17.75 -30.62 13.07
C LEU A 179 17.60 -30.13 11.64
N LEU A 180 16.70 -29.18 11.42
CA LEU A 180 16.45 -28.75 10.06
C LEU A 180 17.60 -27.90 9.54
N ARG A 181 18.15 -27.02 10.38
CA ARG A 181 19.34 -26.28 10.01
C ARG A 181 20.46 -27.22 9.60
N ALA A 182 20.65 -28.31 10.34
CA ALA A 182 21.71 -29.26 10.00
C ALA A 182 21.44 -29.92 8.67
N LEU A 183 20.20 -30.38 8.46
CA LEU A 183 19.86 -31.01 7.21
C LEU A 183 20.03 -30.06 6.03
N LYS A 184 19.79 -28.77 6.23
CA LYS A 184 19.94 -27.81 5.15
C LYS A 184 21.40 -27.55 4.81
N THR A 185 22.30 -27.60 5.80
N THR A 185 22.29 -27.62 5.81
CA THR A 185 23.70 -27.30 5.54
CA THR A 185 23.69 -27.29 5.54
C THR A 185 24.43 -28.47 4.92
C THR A 185 24.45 -28.47 4.92
N ASN A 186 24.15 -29.68 5.36
CA ASN A 186 24.78 -30.88 4.81
C ASN A 186 23.80 -32.02 5.08
N GLU A 187 22.94 -32.29 4.10
CA GLU A 187 21.91 -33.31 4.29
C GLU A 187 22.52 -34.68 4.56
N GLU A 188 23.55 -35.06 3.81
CA GLU A 188 24.13 -36.39 3.98
C GLU A 188 24.64 -36.59 5.40
N SER A 189 25.52 -35.70 5.85
CA SER A 189 26.01 -35.77 7.22
C SER A 189 24.87 -35.83 8.23
N ALA A 190 24.01 -34.81 8.21
CA ALA A 190 22.88 -34.76 9.14
C ALA A 190 22.16 -36.09 9.22
N LYS A 191 21.88 -36.70 8.05
CA LYS A 191 21.12 -37.94 8.06
C LYS A 191 21.96 -39.09 8.58
N MET A 192 23.24 -39.16 8.19
CA MET A 192 24.13 -40.15 8.79
CA MET A 192 24.15 -40.13 8.79
C MET A 192 24.08 -40.06 10.31
N ILE A 193 24.15 -38.84 10.85
CA ILE A 193 24.12 -38.64 12.30
C ILE A 193 22.91 -39.30 12.91
N LEU A 194 21.75 -39.29 12.27
CA LEU A 194 20.57 -39.86 12.94
C LEU A 194 20.71 -41.38 13.11
N LEU A 195 21.36 -42.02 12.13
CA LEU A 195 21.50 -43.49 11.98
C LEU A 195 22.87 -44.04 12.40
N SER A 196 23.70 -43.29 13.14
CA SER A 196 25.04 -43.78 13.57
C SER A 196 24.82 -45.11 14.31
N ASP A 197 23.88 -45.15 15.27
CA ASP A 197 23.41 -46.39 15.93
C ASP A 197 22.10 -46.72 15.21
N PRO A 198 21.80 -47.95 14.72
CA PRO A 198 20.54 -48.20 13.99
C PRO A 198 19.41 -48.92 14.74
N THR A 199 19.63 -49.29 16.00
CA THR A 199 18.64 -49.97 16.89
C THR A 199 17.52 -48.98 17.27
N ILE A 200 17.85 -47.68 17.32
CA ILE A 200 16.96 -46.56 17.67
C ILE A 200 16.10 -46.29 16.43
N THR A 201 15.03 -47.07 16.27
CA THR A 201 14.07 -47.09 15.16
C THR A 201 13.11 -45.91 15.19
N ILE A 202 12.58 -45.55 14.03
CA ILE A 202 11.56 -44.48 13.90
C ILE A 202 10.25 -45.24 14.05
N LYS A 203 9.34 -44.81 14.92
CA LYS A 203 8.08 -45.51 14.98
C LYS A 203 7.28 -45.22 13.73
N SER A 204 6.35 -46.12 13.42
CA SER A 204 5.55 -45.95 12.20
C SER A 204 4.81 -44.61 12.20
N TYR A 205 4.36 -44.16 13.37
CA TYR A 205 3.59 -42.94 13.48
C TYR A 205 4.46 -41.72 13.81
N HIS A 206 5.77 -41.83 13.61
CA HIS A 206 6.71 -40.75 13.94
C HIS A 206 7.56 -40.35 12.74
N LEU A 207 8.21 -39.20 12.85
CA LEU A 207 9.11 -38.74 11.81
C LEU A 207 10.57 -38.91 12.14
N TRP A 208 10.94 -38.84 13.42
CA TRP A 208 12.31 -38.88 13.90
C TRP A 208 12.50 -40.12 14.78
N PRO A 209 13.74 -40.53 15.02
CA PRO A 209 13.99 -41.71 15.86
C PRO A 209 13.60 -41.54 17.31
N SER A 210 13.45 -42.68 17.99
CA SER A 210 12.97 -42.71 19.37
C SER A 210 14.13 -42.58 20.36
N PHE A 211 14.79 -41.44 20.34
CA PHE A 211 15.94 -41.25 21.23
C PHE A 211 15.49 -41.11 22.69
N THR A 212 16.32 -41.65 23.59
CA THR A 212 16.26 -41.26 24.98
C THR A 212 16.64 -39.78 25.15
N ASP A 213 16.27 -39.22 26.30
CA ASP A 213 16.77 -37.89 26.65
C ASP A 213 18.28 -37.81 26.50
N GLU A 214 18.99 -38.81 27.01
CA GLU A 214 20.45 -38.75 26.96
C GLU A 214 20.97 -38.87 25.55
N GLN A 215 20.28 -39.64 24.69
CA GLN A 215 20.71 -39.78 23.32
C GLN A 215 20.39 -38.55 22.48
N TRP A 216 19.31 -37.83 22.82
CA TRP A 216 19.05 -36.55 22.15
C TRP A 216 20.17 -35.54 22.42
N ILE A 217 20.64 -35.48 23.68
CA ILE A 217 21.70 -34.55 24.01
C ILE A 217 22.93 -34.81 23.15
N THR A 218 23.27 -36.08 22.94
CA THR A 218 24.38 -36.42 22.07
C THR A 218 24.09 -36.02 20.63
N ILE A 219 22.90 -36.37 20.14
CA ILE A 219 22.51 -36.01 18.79
C ILE A 219 22.59 -34.50 18.61
N GLU A 220 21.97 -33.76 19.52
CA GLU A 220 21.95 -32.31 19.38
C GLU A 220 23.37 -31.75 19.32
N SER A 221 24.28 -32.30 20.13
N SER A 221 24.27 -32.28 20.16
CA SER A 221 25.65 -31.81 20.11
CA SER A 221 25.66 -31.84 20.10
C SER A 221 26.34 -32.15 18.79
C SER A 221 26.29 -32.12 18.75
N GLN A 222 26.04 -33.31 18.21
CA GLN A 222 26.64 -33.67 16.93
C GLN A 222 26.13 -32.79 15.79
N MET A 223 24.88 -32.32 15.87
CA MET A 223 24.37 -31.42 14.83
C MET A 223 24.98 -30.03 14.94
N ARG A 224 25.29 -29.59 16.15
N ARG A 224 25.32 -29.61 16.15
CA ARG A 224 26.00 -28.33 16.34
CA ARG A 224 25.99 -28.33 16.32
C ARG A 224 27.40 -28.41 15.73
C ARG A 224 27.42 -28.38 15.79
N ASP A 225 28.11 -29.50 15.99
CA ASP A 225 29.42 -29.71 15.36
CA ASP A 225 29.42 -29.68 15.36
C ASP A 225 29.31 -29.59 13.85
N LEU A 226 28.44 -30.42 13.24
CA LEU A 226 28.22 -30.39 11.80
C LEU A 226 28.10 -28.98 11.28
N ILE A 227 27.25 -28.18 11.93
CA ILE A 227 26.96 -26.84 11.43
C ILE A 227 28.19 -25.94 11.53
N LEU A 228 28.88 -25.99 12.67
CA LEU A 228 30.16 -25.29 12.78
C LEU A 228 31.13 -25.75 11.70
N THR A 229 31.36 -27.05 11.61
CA THR A 229 32.28 -27.60 10.62
C THR A 229 31.97 -27.07 9.23
N GLU A 230 30.80 -27.44 8.69
CA GLU A 230 30.38 -26.94 7.38
C GLU A 230 30.59 -25.44 7.25
N TYR A 231 30.44 -24.72 8.37
CA TYR A 231 30.69 -23.28 8.34
C TYR A 231 32.16 -22.98 8.15
N GLY A 232 33.04 -23.86 8.64
CA GLY A 232 34.46 -23.77 8.35
C GLY A 232 34.79 -24.25 6.95
N ARG A 233 34.41 -25.50 6.64
CA ARG A 233 34.60 -26.03 5.29
C ARG A 233 34.14 -25.05 4.22
N LYS A 234 33.08 -24.29 4.51
CA LYS A 234 32.54 -23.35 3.54
C LYS A 234 33.30 -22.04 3.53
N TYR A 235 33.49 -21.44 4.71
CA TYR A 235 34.21 -20.17 4.82
C TYR A 235 35.71 -20.34 5.04
N ASN A 236 36.18 -21.57 5.26
CA ASN A 236 37.59 -21.82 5.57
C ASN A 236 37.99 -21.13 6.88
N VAL A 237 37.77 -21.80 8.00
CA VAL A 237 38.22 -21.34 9.32
C VAL A 237 38.59 -22.55 10.17
N MET B 5 -15.76 39.85 -16.13
CA MET B 5 -14.62 39.92 -15.17
C MET B 5 -15.07 40.24 -13.73
N ASN B 6 -14.84 39.31 -12.80
CA ASN B 6 -15.34 39.45 -11.45
C ASN B 6 -14.25 39.82 -10.46
N THR B 7 -14.71 40.17 -9.26
CA THR B 7 -13.92 40.87 -8.26
C THR B 7 -14.16 40.24 -6.90
N VAL B 8 -13.11 39.98 -6.14
CA VAL B 8 -13.24 39.56 -4.73
C VAL B 8 -12.67 40.74 -3.95
N PRO B 9 -13.46 41.75 -3.53
CA PRO B 9 -12.92 42.91 -2.83
C PRO B 9 -12.61 42.56 -1.39
N PHE B 10 -11.72 43.32 -0.76
CA PHE B 10 -11.19 43.10 0.60
C PHE B 10 -11.52 44.32 1.45
N THR B 11 -12.06 44.14 2.65
CA THR B 11 -12.42 45.26 3.54
C THR B 11 -11.17 46.09 3.84
N SER B 12 -10.04 45.42 4.14
CA SER B 12 -8.74 46.04 4.48
C SER B 12 -7.66 44.93 4.56
N ALA B 13 -6.42 45.30 4.86
CA ALA B 13 -5.34 44.35 5.09
C ALA B 13 -4.60 44.67 6.38
N PRO B 14 -5.18 44.32 7.53
CA PRO B 14 -4.58 44.77 8.81
C PRO B 14 -3.31 44.05 9.23
N ILE B 15 -3.01 42.88 8.68
CA ILE B 15 -1.78 42.20 9.01
C ILE B 15 -1.04 41.81 7.74
N GLU B 16 0.28 41.88 7.82
CA GLU B 16 1.16 41.49 6.72
C GLU B 16 0.92 40.04 6.35
N VAL B 17 0.85 39.77 5.05
CA VAL B 17 0.37 38.49 4.54
C VAL B 17 0.79 38.35 3.09
N THR B 18 1.13 37.13 2.71
CA THR B 18 1.27 36.78 1.31
C THR B 18 -0.07 36.21 0.84
N ILE B 19 -0.64 36.85 -0.17
CA ILE B 19 -1.95 36.50 -0.69
C ILE B 19 -1.76 35.81 -2.03
N GLY B 20 -2.35 34.65 -2.19
CA GLY B 20 -2.36 33.96 -3.47
C GLY B 20 -3.73 34.03 -4.12
N ILE B 21 -3.74 34.10 -5.44
CA ILE B 21 -4.96 33.88 -6.22
C ILE B 21 -4.56 32.89 -7.29
N ASP B 22 -5.11 31.69 -7.23
CA ASP B 22 -4.75 30.62 -8.18
C ASP B 22 -3.23 30.51 -8.09
N GLN B 23 -2.50 30.50 -9.21
CA GLN B 23 -1.07 30.29 -9.20
C GLN B 23 -0.27 31.58 -9.02
N TYR B 24 -0.91 32.71 -8.74
CA TYR B 24 -0.26 34.00 -8.57
C TYR B 24 -0.24 34.39 -7.10
N SER B 25 0.66 35.31 -6.75
CA SER B 25 0.76 35.64 -5.32
C SER B 25 1.49 36.96 -5.19
N PHE B 26 1.21 37.65 -4.09
CA PHE B 26 1.82 38.95 -3.87
C PHE B 26 1.83 39.22 -2.39
N ASN B 27 2.74 40.11 -2.02
CA ASN B 27 3.00 40.45 -0.64
C ASN B 27 2.23 41.70 -0.29
N VAL B 28 1.53 41.66 0.82
CA VAL B 28 0.81 42.83 1.32
C VAL B 28 1.37 43.19 2.68
N LYS B 29 1.76 44.45 2.83
CA LYS B 29 2.35 44.89 4.10
C LYS B 29 1.25 45.22 5.10
N GLU B 30 1.61 45.20 6.38
CA GLU B 30 0.68 45.52 7.45
C GLU B 30 0.02 46.88 7.22
N ASN B 31 -1.31 46.89 7.13
CA ASN B 31 -2.12 48.10 6.92
C ASN B 31 -1.84 48.77 5.56
N GLN B 32 -1.30 48.04 4.61
CA GLN B 32 -1.17 48.56 3.26
C GLN B 32 -2.57 48.72 2.64
N PRO B 33 -2.77 49.77 1.83
CA PRO B 33 -4.11 50.04 1.27
C PRO B 33 -4.55 49.10 0.16
N PHE B 34 -4.69 47.83 0.51
CA PHE B 34 -5.06 46.79 -0.42
C PHE B 34 -6.55 46.49 -0.26
N HIS B 35 -7.29 46.49 -1.38
CA HIS B 35 -8.73 46.27 -1.30
C HIS B 35 -9.24 45.25 -2.30
N GLY B 36 -8.38 44.36 -2.78
CA GLY B 36 -8.85 43.14 -3.37
C GLY B 36 -8.29 42.91 -4.77
N ILE B 37 -8.92 41.95 -5.42
CA ILE B 37 -8.48 41.36 -6.69
C ILE B 37 -9.60 41.48 -7.72
N LYS B 38 -9.29 42.08 -8.87
CA LYS B 38 -10.27 42.31 -9.92
C LYS B 38 -9.86 41.51 -11.15
N ASP B 39 -10.74 41.50 -12.18
CA ASP B 39 -10.50 40.87 -13.47
C ASP B 39 -10.32 39.36 -13.37
N ILE B 40 -11.02 38.75 -12.44
CA ILE B 40 -10.90 37.31 -12.20
C ILE B 40 -11.69 36.59 -13.29
N PRO B 41 -11.08 35.66 -14.02
CA PRO B 41 -11.78 35.03 -15.14
C PRO B 41 -12.99 34.23 -14.69
N ILE B 42 -14.10 34.50 -15.35
CA ILE B 42 -15.34 33.78 -15.13
C ILE B 42 -15.28 32.45 -15.86
N GLY B 43 -15.83 31.43 -15.22
CA GLY B 43 -16.00 30.14 -15.84
C GLY B 43 -15.21 29.04 -15.20
N HIS B 44 -14.32 29.37 -14.24
CA HIS B 44 -13.47 28.42 -13.56
C HIS B 44 -13.72 28.56 -12.07
N VAL B 45 -13.34 27.54 -11.32
N VAL B 45 -13.38 27.51 -11.31
CA VAL B 45 -13.25 27.71 -9.88
CA VAL B 45 -13.28 27.73 -9.87
C VAL B 45 -11.91 28.36 -9.55
C VAL B 45 -12.01 28.54 -9.64
N HIS B 46 -11.85 29.11 -8.46
CA HIS B 46 -10.65 29.81 -8.08
C HIS B 46 -10.38 29.52 -6.61
N VAL B 47 -9.18 29.81 -6.22
CA VAL B 47 -8.76 29.72 -4.82
C VAL B 47 -7.99 30.96 -4.45
N ILE B 48 -8.36 31.58 -3.33
N ILE B 48 -8.41 31.62 -3.37
CA ILE B 48 -7.64 32.71 -2.77
CA ILE B 48 -7.65 32.70 -2.75
C ILE B 48 -7.08 32.28 -1.42
C ILE B 48 -7.05 32.13 -1.47
N HIS B 49 -5.77 32.39 -1.26
CA HIS B 49 -5.08 31.76 -0.13
C HIS B 49 -4.07 32.68 0.51
N PHE B 50 -3.66 32.32 1.73
CA PHE B 50 -3.03 33.25 2.64
C PHE B 50 -1.91 32.57 3.42
N GLN B 51 -0.82 33.29 3.61
CA GLN B 51 0.21 32.91 4.56
C GLN B 51 0.65 34.17 5.30
N HIS B 52 0.40 34.19 6.61
CA HIS B 52 0.77 35.34 7.40
C HIS B 52 2.29 35.46 7.44
N ALA B 53 2.77 36.71 7.43
CA ALA B 53 4.20 36.95 7.44
C ALA B 53 4.81 36.52 8.76
N ASP B 54 4.03 36.48 9.84
CA ASP B 54 4.58 36.15 11.14
C ASP B 54 4.55 34.65 11.42
N ASN B 55 3.61 33.92 10.82
CA ASN B 55 3.46 32.49 11.07
C ASN B 55 3.28 31.79 9.74
N SER B 56 4.39 31.46 9.09
CA SER B 56 4.33 30.72 7.83
C SER B 56 3.75 29.33 8.09
N SER B 57 3.47 29.01 9.35
CA SER B 57 2.58 27.89 9.64
C SER B 57 1.15 28.26 9.29
N MET B 58 0.36 27.24 8.94
N MET B 58 0.39 27.22 8.93
CA MET B 58 -1.00 27.44 8.46
CA MET B 58 -0.96 27.33 8.42
C MET B 58 -1.01 28.29 7.19
C MET B 58 -1.04 28.24 7.20
N ARG B 59 -0.93 27.64 6.03
CA ARG B 59 -1.47 28.24 4.83
C ARG B 59 -2.95 27.90 4.87
N TYR B 60 -3.81 28.83 4.43
CA TYR B 60 -5.23 28.55 4.42
C TYR B 60 -5.83 29.35 3.27
N GLY B 61 -7.05 28.99 2.90
CA GLY B 61 -7.68 29.67 1.76
C GLY B 61 -9.08 29.17 1.48
N TYR B 62 -9.64 29.71 0.39
CA TYR B 62 -11.05 29.57 0.03
C TYR B 62 -11.18 29.26 -1.44
N TRP B 63 -11.86 28.15 -1.74
CA TRP B 63 -12.31 27.77 -3.06
C TRP B 63 -13.66 28.43 -3.33
N PHE B 64 -13.79 29.06 -4.51
CA PHE B 64 -15.01 29.78 -4.83
C PHE B 64 -15.21 29.87 -6.33
N ASP B 65 -16.44 30.22 -6.71
CA ASP B 65 -16.88 30.41 -8.10
C ASP B 65 -17.73 31.67 -8.08
N CYS B 66 -17.21 32.77 -8.65
CA CYS B 66 -17.91 34.05 -8.61
C CYS B 66 -19.29 34.01 -9.27
N ARG B 67 -19.59 32.96 -10.00
CA ARG B 67 -20.93 32.86 -10.56
C ARG B 67 -21.95 32.57 -9.49
N MET B 68 -21.53 32.09 -8.32
N MET B 68 -21.52 32.08 -8.33
CA MET B 68 -22.45 31.63 -7.30
CA MET B 68 -22.45 31.62 -7.29
C MET B 68 -22.76 32.70 -6.26
C MET B 68 -22.78 32.70 -6.27
N GLY B 69 -22.22 33.89 -6.39
CA GLY B 69 -22.44 34.92 -5.38
C GLY B 69 -21.36 35.98 -5.42
N ASN B 70 -21.62 37.07 -4.71
CA ASN B 70 -20.66 38.13 -4.50
C ASN B 70 -19.90 37.90 -3.19
N PHE B 71 -18.58 37.75 -3.28
CA PHE B 71 -17.80 37.38 -2.11
C PHE B 71 -16.79 38.48 -1.77
N TYR B 72 -16.51 38.68 -0.48
CA TYR B 72 -15.53 39.67 -0.01
C TYR B 72 -14.64 39.01 1.03
N ILE B 73 -13.45 39.55 1.20
CA ILE B 73 -12.49 39.02 2.22
C ILE B 73 -12.38 40.05 3.33
N GLN B 74 -12.51 39.65 4.57
CA GLN B 74 -12.42 40.58 5.69
C GLN B 74 -11.59 39.95 6.78
N TYR B 75 -10.63 40.66 7.35
CA TYR B 75 -9.80 40.13 8.45
C TYR B 75 -10.61 40.13 9.76
N ASP B 76 -10.65 39.02 10.49
CA ASP B 76 -11.27 38.92 11.82
C ASP B 76 -10.20 38.96 12.90
N PRO B 77 -10.12 40.04 13.70
CA PRO B 77 -9.06 40.10 14.74
C PRO B 77 -9.30 39.19 15.93
N LYS B 78 -10.47 38.57 16.06
CA LYS B 78 -10.68 37.63 17.15
C LYS B 78 -10.17 36.24 16.77
N ASP B 79 -10.61 35.75 15.60
CA ASP B 79 -10.14 34.47 15.09
C ASP B 79 -8.81 34.58 14.36
N GLY B 80 -8.34 35.78 14.08
CA GLY B 80 -6.99 35.99 13.61
C GLY B 80 -6.78 35.48 12.19
N LEU B 81 -7.77 35.61 11.32
CA LEU B 81 -7.50 35.26 9.94
C LEU B 81 -8.38 36.03 8.97
N TYR B 82 -7.96 36.02 7.72
CA TYR B 82 -8.77 36.59 6.64
C TYR B 82 -9.93 35.66 6.32
N LYS B 83 -11.16 36.14 6.43
CA LYS B 83 -12.34 35.32 6.23
C LYS B 83 -13.03 35.71 4.92
N MET B 84 -13.44 34.71 4.16
CA MET B 84 -14.33 34.98 3.03
C MET B 84 -15.77 35.09 3.54
N MET B 85 -16.52 36.00 2.94
CA MET B 85 -17.92 36.25 3.30
C MET B 85 -18.73 36.47 2.03
N GLU B 86 -20.05 36.35 2.12
CA GLU B 86 -20.97 36.65 0.99
C GLU B 86 -21.73 37.94 1.29
N GLU B 87 -21.79 38.89 0.34
CA GLU B 87 -22.62 40.11 0.48
C GLU B 87 -23.91 39.80 -0.28
N ARG B 88 -25.07 39.79 0.38
CA ARG B 88 -26.33 39.40 -0.31
C ARG B 88 -26.98 40.66 -0.91
N ASP B 89 -26.51 41.87 -0.55
CA ASP B 89 -26.97 43.12 -1.15
C ASP B 89 -26.08 43.45 -2.34
N GLY B 90 -26.56 43.12 -3.54
CA GLY B 90 -25.76 43.29 -4.74
C GLY B 90 -25.45 44.73 -5.08
N ALA B 91 -26.34 45.66 -4.75
CA ALA B 91 -26.09 47.08 -5.02
C ALA B 91 -24.90 47.53 -4.15
N LYS B 92 -24.92 47.15 -2.88
CA LYS B 92 -23.90 47.53 -1.88
C LYS B 92 -22.55 46.97 -2.30
N PHE B 93 -22.52 45.75 -2.81
CA PHE B 93 -21.27 45.10 -3.25
C PHE B 93 -20.70 45.71 -4.52
N GLU B 94 -21.53 45.93 -5.53
CA GLU B 94 -21.13 46.57 -6.81
C GLU B 94 -20.64 47.98 -6.50
N ASN B 95 -21.31 48.68 -5.59
CA ASN B 95 -20.96 50.06 -5.22
C ASN B 95 -19.61 50.07 -4.51
N ILE B 96 -19.38 49.13 -3.61
CA ILE B 96 -18.07 49.04 -2.89
C ILE B 96 -17.01 48.69 -3.91
N VAL B 97 -17.28 47.75 -4.82
CA VAL B 97 -16.32 47.33 -5.86
C VAL B 97 -16.01 48.50 -6.79
N HIS B 98 -17.02 49.28 -7.21
CA HIS B 98 -16.77 50.41 -8.10
C HIS B 98 -15.91 51.49 -7.43
N ASN B 99 -16.10 51.70 -6.12
CA ASN B 99 -15.33 52.71 -5.33
C ASN B 99 -13.86 52.34 -5.38
N PHE B 100 -13.58 51.08 -5.08
CA PHE B 100 -12.21 50.51 -5.02
C PHE B 100 -11.57 50.54 -6.40
N LYS B 101 -12.33 50.20 -7.44
CA LYS B 101 -11.84 50.23 -8.84
C LYS B 101 -11.44 51.67 -9.18
N GLU B 102 -12.21 52.68 -8.75
CA GLU B 102 -11.95 54.06 -9.12
C GLU B 102 -10.71 54.59 -8.42
N ARG B 103 -10.52 54.22 -7.16
CA ARG B 103 -9.32 54.60 -6.42
C ARG B 103 -8.12 53.71 -6.72
N GLN B 104 -8.26 52.73 -7.61
CA GLN B 104 -7.19 51.82 -8.05
C GLN B 104 -6.50 51.18 -6.86
N MET B 105 -7.29 50.69 -5.93
CA MET B 105 -6.73 49.98 -4.78
C MET B 105 -6.84 48.47 -4.94
N MET B 106 -7.00 47.95 -6.16
CA MET B 106 -7.09 46.52 -6.38
C MET B 106 -6.01 46.03 -7.32
N VAL B 107 -5.50 44.82 -7.07
CA VAL B 107 -4.63 44.16 -8.05
C VAL B 107 -5.49 43.46 -9.07
N SER B 108 -4.93 43.27 -10.27
CA SER B 108 -5.62 42.67 -11.36
C SER B 108 -5.13 41.23 -11.48
N TYR B 109 -6.07 40.30 -11.60
CA TYR B 109 -5.71 38.92 -11.85
C TYR B 109 -4.81 38.88 -13.08
N PRO B 110 -3.57 38.46 -12.94
CA PRO B 110 -2.58 38.80 -13.97
C PRO B 110 -2.36 37.70 -14.96
N LYS B 111 -3.43 37.36 -15.69
CA LYS B 111 -3.39 36.25 -16.63
C LYS B 111 -2.82 36.72 -17.97
N ILE B 112 -1.82 35.99 -18.44
CA ILE B 112 -1.33 36.12 -19.81
C ILE B 112 -2.32 35.48 -20.75
N ASP B 113 -2.57 36.11 -21.90
CA ASP B 113 -3.66 35.65 -22.75
C ASP B 113 -3.37 34.27 -23.35
N GLU B 114 -2.11 34.02 -23.73
CA GLU B 114 -1.69 32.73 -24.27
C GLU B 114 -1.77 31.59 -23.25
N ASP B 115 -1.92 31.91 -21.96
CA ASP B 115 -1.65 30.96 -20.90
C ASP B 115 -2.92 30.23 -20.49
N ASP B 116 -2.93 28.91 -20.70
CA ASP B 116 -4.06 28.08 -20.33
C ASP B 116 -3.81 27.30 -19.04
N THR B 117 -2.79 27.70 -18.27
CA THR B 117 -2.41 26.91 -17.10
C THR B 117 -3.58 26.66 -16.15
N TRP B 118 -4.31 27.70 -15.77
CA TRP B 118 -5.31 27.51 -14.75
C TRP B 118 -6.47 26.65 -15.29
N TYR B 119 -6.90 26.89 -16.53
CA TYR B 119 -7.87 26.01 -17.16
C TYR B 119 -7.41 24.56 -17.11
N ASN B 120 -6.13 24.32 -17.46
CA ASN B 120 -5.65 22.95 -17.53
C ASN B 120 -5.59 22.29 -16.15
N LEU B 121 -5.36 23.07 -15.09
CA LEU B 121 -5.29 22.49 -13.75
C LEU B 121 -6.66 22.26 -13.12
N THR B 122 -7.70 22.94 -13.62
CA THR B 122 -9.04 22.91 -13.04
C THR B 122 -10.10 22.45 -14.03
N GLU B 123 -9.70 21.84 -15.16
CA GLU B 123 -10.61 21.44 -16.23
C GLU B 123 -11.85 20.70 -15.72
N PHE B 124 -11.67 19.71 -14.83
CA PHE B 124 -12.78 18.90 -14.36
C PHE B 124 -13.25 19.26 -12.96
N VAL B 125 -12.74 20.35 -12.36
CA VAL B 125 -13.05 20.70 -10.98
C VAL B 125 -14.32 21.54 -10.98
N GLN B 126 -15.30 21.13 -10.19
N GLN B 126 -15.32 21.07 -10.24
CA GLN B 126 -16.60 21.79 -10.14
CA GLN B 126 -16.61 21.72 -10.08
C GLN B 126 -16.89 22.17 -8.69
C GLN B 126 -16.80 22.22 -8.66
N MET B 127 -17.35 23.42 -8.51
CA MET B 127 -17.64 23.91 -7.15
C MET B 127 -18.61 22.98 -6.42
N ASP B 128 -19.60 22.43 -7.12
CA ASP B 128 -20.55 21.58 -6.41
C ASP B 128 -19.88 20.33 -5.86
N LYS B 129 -18.89 19.79 -6.57
CA LYS B 129 -18.19 18.64 -6.03
C LYS B 129 -17.26 19.04 -4.89
N ILE B 130 -16.60 20.20 -4.99
CA ILE B 130 -15.76 20.67 -3.89
C ILE B 130 -16.59 20.73 -2.60
N ARG B 131 -17.83 21.19 -2.69
CA ARG B 131 -18.64 21.41 -1.50
C ARG B 131 -19.10 20.12 -0.85
N LYS B 132 -18.98 18.99 -1.56
CA LYS B 132 -19.21 17.69 -0.96
C LYS B 132 -17.97 17.11 -0.32
N ILE B 133 -16.79 17.47 -0.80
CA ILE B 133 -15.56 17.06 -0.14
C ILE B 133 -15.34 17.90 1.11
N VAL B 134 -15.64 19.21 1.04
CA VAL B 134 -15.49 20.15 2.15
C VAL B 134 -16.89 20.54 2.58
N ARG B 135 -17.38 19.95 3.65
CA ARG B 135 -18.78 20.11 4.03
C ARG B 135 -18.92 21.32 4.94
N LYS B 136 -19.59 22.36 4.42
CA LYS B 136 -20.00 23.52 5.21
C LYS B 136 -21.13 24.20 4.47
N ASP B 137 -22.31 23.59 4.49
CA ASP B 137 -23.33 23.88 3.50
C ASP B 137 -23.92 25.29 3.63
N GLU B 138 -23.71 25.97 4.74
CA GLU B 138 -24.27 27.32 4.82
C GLU B 138 -23.46 28.34 4.01
N ASN B 139 -22.24 28.03 3.57
CA ASN B 139 -21.48 28.89 2.68
C ASN B 139 -21.42 28.31 1.27
N GLN B 140 -21.26 29.19 0.28
CA GLN B 140 -21.11 28.81 -1.12
C GLN B 140 -19.66 28.64 -1.55
N PHE B 141 -18.73 28.93 -0.66
CA PHE B 141 -17.29 28.81 -0.86
C PHE B 141 -16.77 27.83 0.19
N SER B 142 -15.55 27.35 0.00
CA SER B 142 -15.02 26.27 0.85
C SER B 142 -13.64 26.57 1.40
N TYR B 143 -13.48 26.45 2.73
CA TYR B 143 -12.22 26.68 3.40
C TYR B 143 -11.39 25.42 3.45
N VAL B 144 -10.10 25.56 3.19
CA VAL B 144 -9.14 24.46 3.27
C VAL B 144 -7.88 25.02 3.91
N ASP B 145 -7.17 24.20 4.70
CA ASP B 145 -5.87 24.62 5.18
C ASP B 145 -4.90 23.43 5.29
N SER B 146 -3.65 23.76 5.66
CA SER B 146 -2.55 22.82 5.64
C SER B 146 -2.81 21.62 6.57
N SER B 147 -3.55 21.82 7.65
CA SER B 147 -3.66 20.82 8.72
C SER B 147 -4.87 19.92 8.63
N MET B 148 -5.85 20.21 7.77
CA MET B 148 -7.06 19.40 7.71
C MET B 148 -6.74 17.98 7.29
N THR B 149 -7.31 17.03 8.00
CA THR B 149 -7.06 15.62 7.71
C THR B 149 -8.24 15.09 6.92
N THR B 150 -8.00 13.97 6.23
CA THR B 150 -9.00 13.38 5.39
C THR B 150 -9.77 12.33 6.16
N VAL B 151 -10.97 12.00 5.66
CA VAL B 151 -11.80 10.95 6.26
C VAL B 151 -10.99 9.68 6.43
N GLN B 152 -10.23 9.29 5.40
CA GLN B 152 -9.46 8.05 5.48
C GLN B 152 -8.34 8.19 6.51
N GLU B 153 -7.74 9.38 6.63
CA GLU B 153 -6.77 9.60 7.67
C GLU B 153 -7.41 9.48 9.05
N ASN B 154 -8.66 9.98 9.19
CA ASN B 154 -9.36 9.91 10.47
C ASN B 154 -9.63 8.46 10.88
N GLU B 155 -9.82 7.56 9.91
CA GLU B 155 -10.10 6.16 10.21
C GLU B 155 -8.89 5.47 10.82
N LEU B 156 -7.69 5.88 10.44
CA LEU B 156 -6.48 5.20 10.85
C LEU B 156 -5.83 5.94 12.03
N SER B 161 -9.39 14.35 14.15
CA SER B 161 -10.43 13.49 14.69
C SER B 161 -11.78 14.18 14.69
N ASP B 162 -11.81 15.48 14.35
CA ASP B 162 -13.06 16.23 14.26
C ASP B 162 -13.65 16.11 12.86
N PRO B 163 -14.75 15.37 12.65
CA PRO B 163 -15.21 15.11 11.28
C PRO B 163 -15.80 16.31 10.56
N ALA B 164 -16.25 17.34 11.30
CA ALA B 164 -16.82 18.51 10.65
C ALA B 164 -15.78 19.28 9.84
N HIS B 165 -14.50 19.09 10.14
CA HIS B 165 -13.41 19.82 9.52
C HIS B 165 -12.54 18.89 8.67
N SER B 166 -13.14 17.86 8.12
CA SER B 166 -12.45 16.81 7.38
C SER B 166 -12.51 17.08 5.88
N LEU B 167 -11.54 16.52 5.16
CA LEU B 167 -11.61 16.43 3.70
C LEU B 167 -12.24 15.08 3.32
N ASN B 168 -13.47 15.11 2.82
N ASN B 168 -13.46 15.13 2.80
CA ASN B 168 -14.22 13.89 2.54
CA ASN B 168 -14.26 13.96 2.49
C ASN B 168 -13.94 13.37 1.13
C ASN B 168 -13.94 13.41 1.10
N TYR B 169 -12.66 13.11 0.89
CA TYR B 169 -12.24 12.48 -0.35
C TYR B 169 -12.79 11.06 -0.41
N THR B 170 -12.90 10.53 -1.61
CA THR B 170 -13.33 9.15 -1.82
C THR B 170 -12.23 8.20 -1.33
N VAL B 171 -12.60 7.28 -0.43
CA VAL B 171 -11.62 6.38 0.14
C VAL B 171 -11.22 5.33 -0.89
N ILE B 172 -9.93 5.22 -1.14
CA ILE B 172 -9.35 4.23 -2.02
C ILE B 172 -8.39 3.41 -1.17
N ASN B 173 -8.53 2.08 -1.20
CA ASN B 173 -7.67 1.23 -0.38
C ASN B 173 -7.50 -0.09 -1.12
N PHE B 174 -6.27 -0.36 -1.58
CA PHE B 174 -6.02 -1.45 -2.50
C PHE B 174 -6.08 -2.81 -1.83
N LYS B 175 -6.04 -2.83 -0.51
CA LYS B 175 -6.16 -4.09 0.25
C LYS B 175 -7.44 -4.01 1.08
N SER B 176 -8.56 -3.96 0.38
CA SER B 176 -9.87 -3.81 1.01
C SER B 176 -10.84 -4.70 0.25
N ARG B 177 -11.90 -5.12 0.94
CA ARG B 177 -12.90 -5.92 0.27
C ARG B 177 -13.54 -5.15 -0.88
N GLU B 178 -13.65 -3.82 -0.78
CA GLU B 178 -14.20 -3.07 -1.91
C GLU B 178 -13.34 -3.27 -3.15
N ALA B 179 -12.04 -3.41 -2.97
CA ALA B 179 -11.10 -3.49 -4.07
C ALA B 179 -10.90 -4.89 -4.61
N ILE B 180 -11.33 -5.91 -3.87
CA ILE B 180 -10.94 -7.28 -4.15
C ILE B 180 -12.20 -8.14 -4.11
N ARG B 181 -12.57 -8.68 -5.26
CA ARG B 181 -13.68 -9.62 -5.37
C ARG B 181 -13.28 -10.97 -4.80
N PRO B 182 -14.10 -11.58 -3.94
CA PRO B 182 -13.82 -12.95 -3.50
C PRO B 182 -13.61 -13.88 -4.68
N GLY B 183 -12.55 -14.68 -4.60
CA GLY B 183 -12.19 -15.55 -5.72
C GLY B 183 -11.40 -14.91 -6.83
N HIS B 184 -11.24 -13.59 -6.83
CA HIS B 184 -10.37 -12.93 -7.80
C HIS B 184 -9.24 -12.21 -7.08
N GLU B 185 -8.81 -12.75 -5.94
CA GLU B 185 -7.83 -12.05 -5.12
C GLU B 185 -6.60 -11.63 -5.91
N MET B 186 -5.90 -12.61 -6.47
CA MET B 186 -4.67 -12.26 -7.20
C MET B 186 -4.99 -11.40 -8.40
N GLU B 187 -6.04 -11.77 -9.13
CA GLU B 187 -6.37 -11.03 -10.36
C GLU B 187 -6.64 -9.57 -10.04
N ASP B 188 -7.51 -9.32 -9.06
CA ASP B 188 -7.92 -7.94 -8.76
C ASP B 188 -6.81 -7.12 -8.12
N PHE B 189 -5.83 -7.76 -7.49
CA PHE B 189 -4.79 -7.03 -6.77
C PHE B 189 -3.68 -6.65 -7.73
N LEU B 190 -3.40 -7.52 -8.71
CA LEU B 190 -2.38 -7.22 -9.70
C LEU B 190 -2.89 -6.42 -10.89
N ASP B 191 -4.20 -6.43 -11.13
CA ASP B 191 -4.84 -5.69 -12.23
C ASP B 191 -6.09 -5.06 -11.64
N LYS B 192 -6.04 -3.77 -11.35
CA LYS B 192 -7.13 -3.13 -10.61
C LYS B 192 -8.25 -2.59 -11.51
N SER B 193 -8.40 -3.11 -12.71
CA SER B 193 -9.42 -2.59 -13.63
C SER B 193 -10.83 -2.69 -13.07
N TYR B 194 -11.15 -3.77 -12.34
N TYR B 194 -11.15 -3.81 -12.39
N TYR B 194 -11.16 -3.80 -12.39
CA TYR B 194 -12.53 -3.89 -11.85
CA TYR B 194 -12.45 -3.99 -11.77
CA TYR B 194 -12.50 -3.93 -11.82
C TYR B 194 -12.81 -2.87 -10.74
C TYR B 194 -12.73 -2.83 -10.83
C TYR B 194 -12.76 -2.82 -10.81
N TYR B 195 -11.80 -2.59 -9.90
CA TYR B 195 -11.96 -1.55 -8.90
C TYR B 195 -12.07 -0.17 -9.57
N LEU B 196 -11.27 0.09 -10.59
CA LEU B 196 -11.31 1.40 -11.27
C LEU B 196 -12.62 1.58 -12.01
N ASN B 197 -12.93 0.61 -12.87
CA ASN B 197 -14.00 0.79 -13.85
C ASN B 197 -15.37 0.50 -13.25
N THR B 198 -15.52 -0.56 -12.47
CA THR B 198 -16.82 -0.93 -11.92
C THR B 198 -17.10 -0.24 -10.60
N VAL B 199 -16.21 -0.40 -9.62
CA VAL B 199 -16.46 0.15 -8.29
C VAL B 199 -16.45 1.67 -8.32
N MET B 200 -15.39 2.25 -8.89
CA MET B 200 -15.16 3.69 -8.74
C MET B 200 -15.84 4.49 -9.85
N LEU B 201 -15.51 4.20 -11.10
CA LEU B 201 -16.03 4.97 -12.22
C LEU B 201 -17.55 4.76 -12.36
N GLN B 202 -17.98 3.53 -12.58
N GLN B 202 -17.98 3.52 -12.59
CA GLN B 202 -19.40 3.27 -12.75
CA GLN B 202 -19.41 3.28 -12.76
C GLN B 202 -20.17 3.49 -11.45
C GLN B 202 -20.18 3.48 -11.47
N GLY B 203 -19.65 2.97 -10.34
CA GLY B 203 -20.34 3.02 -9.07
C GLY B 203 -20.33 4.28 -8.21
N ILE B 204 -19.17 4.88 -7.96
CA ILE B 204 -19.07 5.98 -7.02
C ILE B 204 -19.00 7.32 -7.75
N PHE B 205 -18.10 7.43 -8.72
CA PHE B 205 -17.90 8.72 -9.38
C PHE B 205 -18.90 8.96 -10.50
N LYS B 206 -19.38 7.88 -11.13
CA LYS B 206 -20.37 7.88 -12.21
C LYS B 206 -19.72 8.13 -13.56
N ASN B 207 -18.69 8.99 -13.63
CA ASN B 207 -18.00 9.23 -14.89
C ASN B 207 -16.56 9.67 -14.62
N SER B 208 -15.78 9.68 -15.69
CA SER B 208 -14.35 9.97 -15.55
C SER B 208 -14.12 11.43 -15.24
N SER B 209 -15.04 12.30 -15.69
CA SER B 209 -14.87 13.73 -15.38
C SER B 209 -14.87 13.97 -13.87
N ASN B 210 -15.80 13.33 -13.13
CA ASN B 210 -15.85 13.52 -11.68
C ASN B 210 -14.61 12.94 -11.01
N TYR B 211 -14.13 11.79 -11.50
CA TYR B 211 -12.87 11.22 -11.00
C TYR B 211 -11.73 12.22 -11.19
N PHE B 212 -11.56 12.71 -12.42
CA PHE B 212 -10.50 13.67 -12.68
C PHE B 212 -10.68 14.94 -11.87
N GLY B 213 -11.92 15.35 -11.60
CA GLY B 213 -12.13 16.56 -10.82
C GLY B 213 -11.61 16.41 -9.40
N GLU B 214 -11.89 15.25 -8.78
CA GLU B 214 -11.37 15.03 -7.43
C GLU B 214 -9.86 14.87 -7.43
N LEU B 215 -9.33 14.21 -8.46
CA LEU B 215 -7.87 14.10 -8.58
C LEU B 215 -7.22 15.48 -8.67
N GLN B 216 -7.78 16.35 -9.52
CA GLN B 216 -7.20 17.68 -9.70
C GLN B 216 -7.31 18.53 -8.44
N PHE B 217 -8.44 18.41 -7.73
CA PHE B 217 -8.65 19.17 -6.50
C PHE B 217 -7.70 18.72 -5.40
N ALA B 218 -7.47 17.42 -5.33
CA ALA B 218 -6.52 16.90 -4.35
C ALA B 218 -5.12 17.43 -4.64
N PHE B 219 -4.68 17.37 -5.90
CA PHE B 219 -3.39 17.96 -6.21
C PHE B 219 -3.31 19.42 -5.82
N LEU B 220 -4.31 20.20 -6.17
CA LEU B 220 -4.21 21.64 -5.89
C LEU B 220 -4.13 21.92 -4.40
N ASN B 221 -4.87 21.15 -3.57
CA ASN B 221 -4.77 21.34 -2.13
CA ASN B 221 -4.78 21.32 -2.12
C ASN B 221 -3.39 20.95 -1.62
N ALA B 222 -2.80 19.91 -2.24
CA ALA B 222 -1.44 19.51 -1.84
C ALA B 222 -0.43 20.61 -2.20
N MET B 223 -0.59 21.22 -3.36
CA MET B 223 0.36 22.23 -3.80
C MET B 223 0.19 23.52 -3.03
N PHE B 224 -1.05 23.99 -2.86
CA PHE B 224 -1.24 25.32 -2.33
C PHE B 224 -1.21 25.35 -0.80
N PHE B 225 -1.56 24.25 -0.13
CA PHE B 225 -1.60 24.28 1.32
C PHE B 225 -0.63 23.27 1.93
N GLY B 226 0.08 22.49 1.11
CA GLY B 226 0.92 21.43 1.66
C GLY B 226 0.13 20.43 2.43
N ASN B 227 -1.10 20.18 2.03
CA ASN B 227 -2.00 19.28 2.75
C ASN B 227 -1.60 17.85 2.45
N TYR B 228 -1.07 17.15 3.47
CA TYR B 228 -0.53 15.81 3.24
C TYR B 228 -1.60 14.80 2.83
N GLY B 229 -2.76 14.82 3.48
CA GLY B 229 -3.81 13.90 3.09
C GLY B 229 -4.24 14.07 1.64
N SER B 230 -4.22 15.31 1.17
CA SER B 230 -4.55 15.55 -0.23
C SER B 230 -3.49 14.98 -1.17
N SER B 231 -2.20 15.07 -0.79
CA SER B 231 -1.19 14.46 -1.63
C SER B 231 -1.36 12.97 -1.69
N LEU B 232 -1.67 12.34 -0.55
CA LEU B 232 -1.93 10.90 -0.55
C LEU B 232 -3.08 10.56 -1.50
N GLN B 233 -4.15 11.38 -1.49
CA GLN B 233 -5.29 11.13 -2.34
C GLN B 233 -4.91 11.23 -3.82
N TRP B 234 -4.18 12.29 -4.19
CA TRP B 234 -3.74 12.50 -5.57
C TRP B 234 -2.96 11.28 -6.06
N HIS B 235 -1.96 10.83 -5.28
CA HIS B 235 -1.18 9.68 -5.74
C HIS B 235 -2.01 8.42 -5.82
N ALA B 236 -2.96 8.23 -4.90
CA ALA B 236 -3.73 6.99 -4.94
C ALA B 236 -4.60 6.93 -6.18
N MET B 237 -5.14 8.08 -6.59
CA MET B 237 -5.98 8.12 -7.77
C MET B 237 -5.19 7.95 -9.06
N ILE B 238 -3.95 8.43 -9.09
CA ILE B 238 -3.05 8.13 -10.20
C ILE B 238 -2.75 6.64 -10.22
N GLU B 239 -2.33 6.12 -9.06
CA GLU B 239 -1.88 4.74 -9.00
C GLU B 239 -3.00 3.78 -9.41
N LEU B 240 -4.24 4.07 -9.00
CA LEU B 240 -5.36 3.21 -9.39
C LEU B 240 -5.51 3.11 -10.90
N ILE B 241 -5.36 4.22 -11.62
CA ILE B 241 -5.42 4.15 -13.06
C ILE B 241 -4.23 3.41 -13.64
N CYS B 242 -3.03 3.70 -13.15
CA CYS B 242 -1.82 3.16 -13.77
C CYS B 242 -1.70 1.66 -13.54
N SER B 243 -2.31 1.18 -12.46
CA SER B 243 -2.32 -0.24 -12.08
C SER B 243 -3.54 -0.98 -12.61
N SER B 244 -4.26 -0.41 -13.56
CA SER B 244 -5.37 -1.08 -14.23
C SER B 244 -4.92 -1.40 -15.65
N ALA B 245 -5.07 -2.67 -16.05
CA ALA B 245 -4.73 -3.04 -17.41
C ALA B 245 -5.74 -2.53 -18.42
N THR B 246 -6.97 -2.26 -18.02
CA THR B 246 -8.02 -1.90 -18.97
C THR B 246 -8.56 -0.52 -18.56
N VAL B 247 -8.20 0.49 -19.33
CA VAL B 247 -8.60 1.87 -19.08
C VAL B 247 -9.11 2.45 -20.40
N PRO B 248 -10.30 3.04 -20.42
CA PRO B 248 -10.71 3.80 -21.62
C PRO B 248 -9.63 4.67 -22.23
N LYS B 249 -9.49 4.59 -23.55
CA LYS B 249 -8.38 5.27 -24.22
C LYS B 249 -8.44 6.78 -24.01
N HIS B 250 -9.64 7.32 -23.90
CA HIS B 250 -9.79 8.77 -23.73
C HIS B 250 -9.33 9.19 -22.35
N MET B 251 -9.48 8.31 -21.36
CA MET B 251 -9.03 8.64 -20.02
C MET B 251 -7.52 8.67 -19.94
N LEU B 252 -6.85 7.72 -20.60
CA LEU B 252 -5.38 7.72 -20.53
C LEU B 252 -4.81 8.97 -21.19
N ASP B 253 -5.36 9.36 -22.33
CA ASP B 253 -4.85 10.56 -22.98
C ASP B 253 -5.12 11.79 -22.16
N LYS B 254 -6.29 11.86 -21.55
CA LYS B 254 -6.60 13.00 -20.73
C LYS B 254 -5.73 13.01 -19.45
N LEU B 255 -5.53 11.83 -18.83
CA LEU B 255 -4.66 11.77 -17.65
C LEU B 255 -3.26 12.29 -17.97
N ASP B 256 -2.69 11.91 -19.11
CA ASP B 256 -1.37 12.42 -19.44
C ASP B 256 -1.34 13.94 -19.50
N GLU B 257 -2.39 14.56 -20.06
CA GLU B 257 -2.42 16.03 -20.07
C GLU B 257 -2.54 16.60 -18.65
N ILE B 258 -3.40 16.00 -17.82
CA ILE B 258 -3.63 16.50 -16.48
C ILE B 258 -2.32 16.51 -15.68
N LEU B 259 -1.62 15.38 -15.70
CA LEU B 259 -0.40 15.21 -14.92
C LEU B 259 0.70 16.10 -15.46
N TYR B 260 0.79 16.20 -16.80
CA TYR B 260 1.77 17.10 -17.39
C TYR B 260 1.65 18.48 -16.78
N TYR B 261 0.45 19.05 -16.80
CA TYR B 261 0.30 20.41 -16.29
C TYR B 261 0.48 20.48 -14.76
N GLN B 262 0.23 19.39 -14.02
CA GLN B 262 0.50 19.43 -12.60
C GLN B 262 2.00 19.42 -12.34
N ILE B 263 2.73 18.56 -13.05
CA ILE B 263 4.18 18.51 -12.87
C ILE B 263 4.81 19.81 -13.36
N LYS B 264 4.29 20.36 -14.45
CA LYS B 264 4.85 21.61 -14.98
C LYS B 264 4.76 22.73 -13.94
N THR B 265 3.66 22.77 -13.20
CA THR B 265 3.36 23.88 -12.34
C THR B 265 3.97 23.70 -10.96
N LEU B 266 4.27 22.48 -10.54
CA LEU B 266 4.81 22.26 -9.20
C LEU B 266 6.06 23.09 -8.98
N PRO B 267 6.19 23.78 -7.84
CA PRO B 267 7.46 24.46 -7.53
C PRO B 267 8.61 23.48 -7.53
N GLU B 268 9.69 23.85 -8.23
CA GLU B 268 10.84 22.94 -8.34
C GLU B 268 11.34 22.52 -6.97
N GLN B 269 11.26 23.42 -5.99
CA GLN B 269 11.83 23.19 -4.67
C GLN B 269 10.95 22.34 -3.76
N TYR B 270 9.68 22.09 -4.13
CA TYR B 270 8.79 21.29 -3.30
C TYR B 270 8.64 19.87 -3.80
N SER B 271 9.32 19.51 -4.88
CA SER B 271 9.14 18.17 -5.46
C SER B 271 9.49 17.08 -4.46
N ASP B 272 10.41 17.36 -3.53
CA ASP B 272 10.90 16.33 -2.63
C ASP B 272 9.83 15.85 -1.67
N ILE B 273 8.92 16.72 -1.24
CA ILE B 273 7.89 16.36 -0.26
C ILE B 273 6.60 15.97 -0.96
N LEU B 274 6.31 16.57 -2.11
CA LEU B 274 5.01 16.39 -2.75
C LEU B 274 4.97 15.28 -3.78
N LEU B 275 6.09 14.63 -4.09
CA LEU B 275 6.10 13.60 -5.14
C LEU B 275 6.59 12.29 -4.54
N ASN B 276 5.74 11.27 -4.61
CA ASN B 276 6.01 9.97 -4.01
C ASN B 276 6.80 9.12 -5.00
N GLU B 277 8.06 8.84 -4.64
CA GLU B 277 8.99 8.13 -5.51
C GLU B 277 8.40 6.80 -5.98
N ARG B 278 7.85 6.01 -5.06
CA ARG B 278 7.35 4.69 -5.41
C ARG B 278 6.25 4.77 -6.46
N VAL B 279 5.30 5.67 -6.23
CA VAL B 279 4.16 5.74 -7.14
C VAL B 279 4.60 6.19 -8.52
N TRP B 280 5.44 7.22 -8.60
CA TRP B 280 5.81 7.73 -9.93
C TRP B 280 6.66 6.72 -10.68
N ASN B 281 7.63 6.09 -10.00
CA ASN B 281 8.43 5.08 -10.68
C ASN B 281 7.59 3.88 -11.09
N ILE B 282 6.67 3.44 -10.22
CA ILE B 282 5.75 2.37 -10.62
C ILE B 282 4.93 2.81 -11.82
N CYS B 283 4.41 4.03 -11.76
CA CYS B 283 3.45 4.41 -12.80
C CYS B 283 4.12 4.62 -14.15
N LEU B 284 5.31 5.23 -14.17
CA LEU B 284 5.96 5.55 -15.43
C LEU B 284 6.75 4.38 -16.01
N TYR B 285 7.15 3.41 -15.19
CA TYR B 285 8.14 2.45 -15.64
C TYR B 285 7.77 0.98 -15.44
N SER B 286 6.89 0.68 -14.48
CA SER B 286 6.47 -0.69 -14.21
C SER B 286 5.02 -0.98 -14.58
N SER B 287 4.14 -0.01 -14.47
CA SER B 287 2.71 -0.30 -14.51
C SER B 287 2.25 -0.64 -15.93
N PHE B 288 1.00 -1.10 -16.02
CA PHE B 288 0.38 -1.37 -17.30
C PHE B 288 0.44 -0.17 -18.21
N GLN B 289 0.33 1.02 -17.64
CA GLN B 289 0.23 2.27 -18.40
C GLN B 289 1.57 2.94 -18.55
N LYS B 290 2.68 2.19 -18.37
CA LYS B 290 4.02 2.72 -18.44
C LYS B 290 4.35 3.38 -19.76
N ASN B 291 3.66 3.02 -20.84
CA ASN B 291 3.94 3.58 -22.17
C ASN B 291 2.86 4.54 -22.61
N SER B 292 1.92 4.88 -21.73
CA SER B 292 0.73 5.60 -22.12
C SER B 292 0.72 7.03 -21.63
N LEU B 293 1.80 7.49 -20.99
CA LEU B 293 1.86 8.84 -20.41
C LEU B 293 3.10 9.56 -20.95
N HIS B 294 3.16 9.69 -22.27
CA HIS B 294 4.40 10.18 -22.89
C HIS B 294 4.72 11.61 -22.49
N ASN B 295 3.73 12.49 -22.43
CA ASN B 295 4.05 13.87 -22.07
C ASN B 295 4.49 13.96 -20.61
N THR B 296 3.79 13.24 -19.73
CA THR B 296 4.16 13.27 -18.33
C THR B 296 5.54 12.67 -18.12
N GLU B 297 5.85 11.57 -18.81
CA GLU B 297 7.15 10.94 -18.60
C GLU B 297 8.27 11.84 -19.11
N LYS B 298 8.05 12.56 -20.20
CA LYS B 298 9.10 13.44 -20.69
C LYS B 298 9.33 14.62 -19.77
N ILE B 299 8.26 15.22 -19.21
CA ILE B 299 8.53 16.35 -18.36
C ILE B 299 9.12 15.88 -17.03
N MET B 300 8.69 14.73 -16.53
CA MET B 300 9.24 14.21 -15.28
C MET B 300 10.73 13.90 -15.42
N GLU B 301 11.11 13.24 -16.53
CA GLU B 301 12.52 12.91 -16.74
C GLU B 301 13.39 14.13 -16.95
N ASN B 302 12.85 15.20 -17.55
CA ASN B 302 13.66 16.39 -17.79
C ASN B 302 13.67 17.33 -16.60
N LYS B 303 12.67 17.27 -15.72
CA LYS B 303 12.59 18.18 -14.59
C LYS B 303 12.96 17.54 -13.26
N TYR B 304 12.66 16.25 -13.06
CA TYR B 304 12.96 15.58 -11.78
C TYR B 304 13.61 14.21 -12.02
N PRO B 305 14.69 14.16 -12.80
CA PRO B 305 15.37 12.87 -13.02
C PRO B 305 15.99 12.29 -11.75
N GLU B 306 16.08 13.06 -10.68
CA GLU B 306 16.60 12.53 -9.42
C GLU B 306 15.59 11.57 -8.79
N LEU B 307 14.33 11.99 -8.72
CA LEU B 307 13.29 11.14 -8.17
C LEU B 307 13.23 9.79 -8.88
N LEU B 308 13.79 9.69 -10.08
CA LEU B 308 13.71 8.46 -10.84
C LEU B 308 15.10 7.83 -11.02
N1 VZL C . -16.48 44.95 3.72
C7 VZL C . -18.53 44.47 4.26
C8 VZL C . -17.10 45.04 6.16
N2 VZL C . -18.47 47.05 5.91
C9 VZL C . -17.58 46.37 6.79
C1 VZL C . -16.63 44.51 1.16
C5 VZL C . -17.08 44.53 2.47
C6 VZL C . -17.38 44.85 4.74
C4 VZL C . -19.24 43.95 1.86
C3 VZL C . -18.85 43.96 0.59
C2 VZL C . -17.53 44.24 0.23
O VZL C . -20.50 46.64 6.96
C10 VZL C . -19.85 47.14 6.03
C11 VZL C . -20.42 47.92 4.92
C VZL C . -15.20 44.78 0.89
N VZL C . -18.33 44.22 2.82
#